data_7LGC
#
_entry.id   7LGC
#
_cell.length_a   34.034
_cell.length_b   34.126
_cell.length_c   57.673
_cell.angle_alpha   97.734
_cell.angle_beta   93.907
_cell.angle_gamma   94.640
#
_symmetry.space_group_name_H-M   'P 1'
#
loop_
_entity.id
_entity.type
_entity.pdbx_description
1 polymer 'Modulator of apoptosis 1'
2 water water
#
_entity_poly.entity_id   1
_entity_poly.type   'polypeptide(L)'
_entity_poly.pdbx_seq_one_letter_code
;GVTDNPRELQVKYLTTYQKDEEKLSAYVLRLEPLLQKLVQRGAIERDAVNQARLDQVIAGAVHKTIRRELNLPEDGPAPG
FLQLLVLIKDYEAAEEEEALLQAILEGNFT
;
_entity_poly.pdbx_strand_id   A,B
#
# COMPACT_ATOMS: atom_id res chain seq x y z
N ASP A 4 -10.14 -8.38 5.39
CA ASP A 4 -10.44 -9.75 5.74
C ASP A 4 -9.97 -10.74 4.67
N ASN A 5 -10.22 -10.43 3.39
CA ASN A 5 -9.83 -11.32 2.31
C ASN A 5 -8.36 -11.08 1.94
N PRO A 6 -7.77 -11.98 1.15
CA PRO A 6 -6.32 -11.90 0.92
C PRO A 6 -5.86 -10.59 0.32
N ARG A 7 -6.56 -10.08 -0.70
CA ARG A 7 -6.16 -8.80 -1.29
C ARG A 7 -6.18 -7.69 -0.26
N GLU A 8 -7.25 -7.64 0.55
CA GLU A 8 -7.36 -6.61 1.58
C GLU A 8 -6.21 -6.72 2.57
N LEU A 9 -5.85 -7.94 2.97
CA LEU A 9 -4.70 -8.12 3.84
C LEU A 9 -3.41 -7.61 3.20
N GLN A 10 -3.23 -7.88 1.90
CA GLN A 10 -2.04 -7.41 1.20
C GLN A 10 -1.96 -5.89 1.22
N VAL A 11 -3.08 -5.24 0.90
CA VAL A 11 -3.08 -3.78 0.89
C VAL A 11 -2.72 -3.25 2.27
N LYS A 12 -3.29 -3.83 3.33
CA LYS A 12 -2.97 -3.33 4.66
C LYS A 12 -1.49 -3.56 5.02
N TYR A 13 -0.93 -4.70 4.65
CA TYR A 13 0.49 -4.95 4.90
C TYR A 13 1.37 -3.97 4.15
N LEU A 14 1.09 -3.78 2.87
CA LEU A 14 1.93 -2.93 2.04
C LEU A 14 1.81 -1.46 2.39
N THR A 15 0.72 -1.05 3.05
CA THR A 15 0.56 0.33 3.47
C THR A 15 0.87 0.52 4.95
N THR A 16 1.41 -0.51 5.62
CA THR A 16 1.86 -0.37 7.00
C THR A 16 3.26 0.22 6.98
N TYR A 17 3.43 1.35 7.64
CA TYR A 17 4.67 2.10 7.56
C TYR A 17 5.17 2.43 8.96
N GLN A 18 6.47 2.68 9.04
CA GLN A 18 7.08 2.95 10.33
C GLN A 18 6.62 4.32 10.83
N LYS A 19 6.20 4.36 12.09
CA LYS A 19 5.75 5.61 12.71
C LYS A 19 6.95 6.49 13.07
N ASP A 20 6.68 7.78 13.23
CA ASP A 20 7.75 8.76 13.42
C ASP A 20 8.68 8.38 14.57
N GLU A 21 8.13 8.10 15.74
CA GLU A 21 8.94 7.78 16.92
C GLU A 21 8.92 6.29 17.27
N GLU A 22 8.83 5.42 16.25
CA GLU A 22 8.88 3.97 16.45
C GLU A 22 10.26 3.47 16.06
N LYS A 23 10.86 2.63 16.91
CA LYS A 23 12.13 2.01 16.59
C LYS A 23 11.96 1.06 15.42
N LEU A 24 12.99 0.96 14.58
CA LEU A 24 12.91 0.08 13.42
C LEU A 24 12.68 -1.38 13.85
N SER A 25 13.32 -1.81 14.95
CA SER A 25 13.11 -3.18 15.42
C SER A 25 11.66 -3.41 15.83
N ALA A 26 11.07 -2.45 16.53
CA ALA A 26 9.64 -2.56 16.85
C ALA A 26 8.80 -2.58 15.57
N TYR A 27 9.24 -1.88 14.55
CA TYR A 27 8.48 -1.87 13.30
C TYR A 27 8.49 -3.25 12.64
N VAL A 28 9.66 -3.87 12.56
CA VAL A 28 9.74 -5.20 11.97
C VAL A 28 8.90 -6.19 12.77
N LEU A 29 8.96 -6.09 14.11
CA LEU A 29 8.13 -6.98 14.93
C LEU A 29 6.65 -6.75 14.68
N ARG A 30 6.23 -5.50 14.50
CA ARG A 30 4.84 -5.21 14.21
C ARG A 30 4.41 -5.76 12.85
N LEU A 31 5.31 -5.76 11.88
CA LEU A 31 4.99 -6.30 10.56
C LEU A 31 4.87 -7.83 10.55
N GLU A 32 5.65 -8.50 11.40
CA GLU A 32 5.80 -9.94 11.26
C GLU A 32 4.47 -10.69 11.31
N PRO A 33 3.57 -10.43 12.26
CA PRO A 33 2.30 -11.18 12.26
C PRO A 33 1.51 -11.01 10.98
N LEU A 34 1.46 -9.78 10.46
CA LEU A 34 0.75 -9.51 9.21
C LEU A 34 1.33 -10.33 8.06
N LEU A 35 2.66 -10.43 7.99
CA LEU A 35 3.30 -11.21 6.95
C LEU A 35 2.94 -12.69 7.08
N GLN A 36 3.04 -13.22 8.29
CA GLN A 36 2.74 -14.64 8.48
C GLN A 36 1.27 -14.94 8.17
N LYS A 37 0.39 -14.00 8.50
CA LYS A 37 -1.02 -14.13 8.14
C LYS A 37 -1.20 -14.15 6.63
N LEU A 38 -0.45 -13.30 5.91
CA LEU A 38 -0.48 -13.33 4.45
C LEU A 38 -0.05 -14.68 3.91
N VAL A 39 0.93 -15.29 4.55
CA VAL A 39 1.33 -16.63 4.13
C VAL A 39 0.20 -17.61 4.39
N GLN A 40 -0.44 -17.51 5.55
CA GLN A 40 -1.54 -18.42 5.89
C GLN A 40 -2.64 -18.34 4.83
N ARG A 41 -3.04 -17.13 4.47
CA ARG A 41 -4.13 -16.92 3.53
C ARG A 41 -3.73 -17.10 2.07
N GLY A 42 -2.51 -17.57 1.80
CA GLY A 42 -2.09 -17.86 0.45
C GLY A 42 -1.75 -16.65 -0.40
N ALA A 43 -1.66 -15.46 0.20
CA ALA A 43 -1.30 -14.27 -0.57
C ALA A 43 0.18 -14.24 -0.93
N ILE A 44 1.00 -14.98 -0.20
CA ILE A 44 2.44 -15.02 -0.42
C ILE A 44 2.89 -16.45 -0.19
N GLU A 45 3.86 -16.91 -0.97
CA GLU A 45 4.43 -18.23 -0.82
C GLU A 45 5.57 -18.23 0.20
N ARG A 46 5.71 -19.35 0.90
CA ARG A 46 6.72 -19.46 1.96
C ARG A 46 8.09 -19.04 1.46
N ASP A 47 8.49 -19.53 0.28
CA ASP A 47 9.85 -19.29 -0.21
C ASP A 47 10.13 -17.82 -0.48
N ALA A 48 9.09 -16.99 -0.63
CA ALA A 48 9.28 -15.57 -0.86
C ALA A 48 9.25 -14.74 0.42
N VAL A 49 8.96 -15.36 1.56
CA VAL A 49 8.68 -14.62 2.79
C VAL A 49 9.81 -13.65 3.12
N ASN A 50 11.04 -14.18 3.23
CA ASN A 50 12.16 -13.32 3.60
C ASN A 50 12.25 -12.11 2.68
N GLN A 51 12.16 -12.32 1.36
CA GLN A 51 12.27 -11.17 0.47
C GLN A 51 11.10 -10.22 0.71
N ALA A 52 9.89 -10.76 0.84
CA ALA A 52 8.73 -9.92 1.11
C ALA A 52 8.98 -9.08 2.35
N ARG A 53 9.49 -9.71 3.42
CA ARG A 53 9.75 -8.98 4.63
C ARG A 53 10.70 -7.82 4.36
N LEU A 54 11.86 -8.15 3.79
CA LEU A 54 12.85 -7.10 3.53
C LEU A 54 12.21 -6.01 2.68
N ASP A 55 11.49 -6.40 1.61
CA ASP A 55 10.94 -5.39 0.72
C ASP A 55 10.09 -4.40 1.51
N GLN A 56 9.21 -4.90 2.38
CA GLN A 56 8.30 -3.98 3.05
C GLN A 56 9.05 -3.14 4.09
N VAL A 57 10.02 -3.74 4.78
CA VAL A 57 10.86 -2.92 5.66
C VAL A 57 11.43 -1.75 4.88
N ILE A 58 12.01 -2.06 3.71
CA ILE A 58 12.60 -1.01 2.89
C ILE A 58 11.54 -0.01 2.49
N ALA A 59 10.37 -0.49 2.10
CA ALA A 59 9.33 0.43 1.64
C ALA A 59 8.80 1.26 2.78
N GLY A 60 8.76 0.71 4.00
CA GLY A 60 8.01 1.35 5.05
C GLY A 60 8.84 2.14 6.04
N ALA A 61 10.15 1.99 5.96
CA ALA A 61 11.05 2.58 6.94
C ALA A 61 11.08 4.09 6.81
N VAL A 62 11.21 4.77 7.95
CA VAL A 62 11.44 6.22 7.94
C VAL A 62 12.74 6.54 7.21
N HIS A 63 13.77 5.73 7.40
CA HIS A 63 15.04 5.92 6.73
C HIS A 63 14.93 5.43 5.29
N LYS A 64 14.92 6.37 4.33
CA LYS A 64 14.69 6.03 2.94
C LYS A 64 15.85 5.27 2.30
N THR A 65 16.97 5.10 2.99
CA THR A 65 18.07 4.30 2.47
C THR A 65 18.55 3.29 3.50
N ILE A 66 17.61 2.61 4.17
CA ILE A 66 17.97 1.72 5.28
C ILE A 66 18.70 0.50 4.76
N ARG A 67 18.44 0.07 3.52
CA ARG A 67 19.13 -1.10 3.02
C ARG A 67 20.64 -0.90 3.04
N ARG A 68 21.09 0.31 2.73
CA ARG A 68 22.53 0.58 2.79
C ARG A 68 23.01 0.64 4.23
N GLU A 69 22.26 1.31 5.11
CA GLU A 69 22.67 1.43 6.51
C GLU A 69 22.90 0.05 7.13
N LEU A 70 22.10 -0.95 6.73
CA LEU A 70 22.26 -2.31 7.20
C LEU A 70 23.26 -3.11 6.38
N ASN A 71 23.88 -2.48 5.38
CA ASN A 71 24.88 -3.15 4.55
C ASN A 71 24.29 -4.35 3.82
N LEU A 72 23.07 -4.21 3.30
CA LEU A 72 22.46 -5.28 2.51
C LEU A 72 22.47 -4.89 1.04
N PRO A 73 22.96 -5.77 0.15
CA PRO A 73 22.96 -5.43 -1.28
C PRO A 73 21.75 -5.96 -2.04
N GLU A 74 21.33 -5.26 -3.09
CA GLU A 74 20.26 -5.76 -3.93
C GLU A 74 20.70 -7.05 -4.62
N ASP A 75 19.72 -7.81 -5.09
CA ASP A 75 19.94 -9.08 -5.76
C ASP A 75 20.40 -10.19 -4.82
N GLY A 76 21.13 -9.85 -3.76
CA GLY A 76 21.63 -10.85 -2.84
C GLY A 76 20.47 -11.57 -2.17
N PRO A 77 20.77 -12.59 -1.37
CA PRO A 77 19.68 -13.36 -0.74
C PRO A 77 19.17 -12.63 0.48
N ALA A 78 17.85 -12.73 0.69
CA ALA A 78 17.24 -12.00 1.78
C ALA A 78 17.60 -12.65 3.11
N PRO A 79 17.87 -11.86 4.14
CA PRO A 79 18.17 -12.45 5.45
C PRO A 79 16.92 -13.05 6.05
N GLY A 80 17.14 -14.01 6.95
CA GLY A 80 16.06 -14.57 7.73
C GLY A 80 15.61 -13.60 8.80
N PHE A 81 14.53 -13.96 9.49
CA PHE A 81 13.92 -13.06 10.48
C PHE A 81 14.91 -12.67 11.57
N LEU A 82 15.53 -13.66 12.21
CA LEU A 82 16.44 -13.35 13.30
C LEU A 82 17.69 -12.62 12.81
N GLN A 83 18.21 -13.01 11.64
CA GLN A 83 19.36 -12.29 11.12
C GLN A 83 19.03 -10.82 10.88
N LEU A 84 17.86 -10.54 10.30
CA LEU A 84 17.49 -9.16 10.05
C LEU A 84 17.35 -8.40 11.37
N LEU A 85 16.73 -9.02 12.38
CA LEU A 85 16.61 -8.35 13.67
C LEU A 85 17.96 -8.05 14.30
N VAL A 86 18.92 -8.95 14.17
CA VAL A 86 20.24 -8.69 14.73
C VAL A 86 20.93 -7.55 13.98
N LEU A 87 20.82 -7.53 12.64
CA LEU A 87 21.35 -6.39 11.90
C LEU A 87 20.76 -5.09 12.40
N ILE A 88 19.44 -5.07 12.63
CA ILE A 88 18.79 -3.85 13.06
C ILE A 88 19.20 -3.48 14.49
N LYS A 89 19.34 -4.47 15.36
CA LYS A 89 19.82 -4.18 16.71
C LYS A 89 21.19 -3.51 16.68
N ASP A 90 22.11 -4.07 15.89
CA ASP A 90 23.44 -3.48 15.81
C ASP A 90 23.38 -2.06 15.26
N TYR A 91 22.55 -1.84 14.23
CA TYR A 91 22.35 -0.51 13.68
C TYR A 91 21.82 0.47 14.72
N GLU A 92 20.80 0.05 15.47
CA GLU A 92 20.21 0.95 16.47
C GLU A 92 21.19 1.24 17.61
N ALA A 93 22.03 0.28 17.97
CA ALA A 93 23.09 0.56 18.95
C ALA A 93 24.03 1.65 18.43
N ALA A 94 24.45 1.54 17.16
CA ALA A 94 25.34 2.56 16.61
C ALA A 94 24.65 3.92 16.55
N GLU A 95 23.37 3.94 16.21
CA GLU A 95 22.64 5.21 16.18
C GLU A 95 22.56 5.83 17.57
N GLU A 96 22.36 5.00 18.59
CA GLU A 96 22.33 5.53 19.95
C GLU A 96 23.68 6.11 20.34
N GLU A 97 24.78 5.47 19.91
CA GLU A 97 26.10 6.05 20.18
C GLU A 97 26.24 7.42 19.55
N GLU A 98 25.82 7.55 18.28
CA GLU A 98 25.87 8.86 17.63
C GLU A 98 25.04 9.90 18.38
N ALA A 99 23.86 9.51 18.86
CA ALA A 99 23.03 10.45 19.62
C ALA A 99 23.70 10.88 20.92
N LEU A 100 24.28 9.93 21.65
CA LEU A 100 25.01 10.28 22.87
C LEU A 100 26.13 11.26 22.56
N LEU A 101 26.90 10.99 21.51
CA LEU A 101 27.99 11.88 21.14
C LEU A 101 27.47 13.28 20.85
N GLN A 102 26.39 13.39 20.08
CA GLN A 102 25.83 14.71 19.77
C GLN A 102 25.41 15.42 21.04
N ALA A 103 24.76 14.71 21.97
CA ALA A 103 24.35 15.33 23.22
C ALA A 103 25.55 15.83 24.03
N ILE A 104 26.62 15.04 24.07
CA ILE A 104 27.82 15.45 24.79
C ILE A 104 28.46 16.68 24.15
N LEU A 105 28.81 16.56 22.87
CA LEU A 105 29.39 17.69 22.14
C LEU A 105 28.54 18.94 22.27
N GLU A 106 27.23 18.79 22.44
CA GLU A 106 26.37 19.95 22.66
C GLU A 106 26.49 20.53 24.06
N GLY A 107 27.44 20.04 24.86
CA GLY A 107 27.66 20.55 26.20
C GLY A 107 28.60 21.74 26.25
N PRO B 6 6.83 -7.75 -12.54
CA PRO B 6 5.41 -7.75 -12.19
C PRO B 6 5.14 -7.58 -10.69
N ARG B 7 5.90 -8.27 -9.84
CA ARG B 7 5.68 -8.14 -8.39
C ARG B 7 5.78 -6.68 -7.96
N GLU B 8 6.82 -5.98 -8.42
CA GLU B 8 6.97 -4.56 -8.10
C GLU B 8 5.79 -3.74 -8.63
N LEU B 9 5.35 -4.03 -9.86
CA LEU B 9 4.19 -3.36 -10.42
C LEU B 9 2.95 -3.63 -9.57
N GLN B 10 2.76 -4.87 -9.13
CA GLN B 10 1.61 -5.20 -8.29
C GLN B 10 1.64 -4.41 -6.98
N VAL B 11 2.80 -4.34 -6.33
CA VAL B 11 2.90 -3.59 -5.08
C VAL B 11 2.61 -2.10 -5.32
N LYS B 12 3.12 -1.55 -6.42
CA LYS B 12 2.83 -0.16 -6.72
C LYS B 12 1.34 0.08 -6.92
N TYR B 13 0.68 -0.83 -7.64
CA TYR B 13 -0.75 -0.69 -7.87
C TYR B 13 -1.53 -0.80 -6.57
N LEU B 14 -1.17 -1.78 -5.72
CA LEU B 14 -1.89 -2.01 -4.47
C LEU B 14 -1.71 -0.87 -3.47
N THR B 15 -0.63 -0.09 -3.58
CA THR B 15 -0.37 1.01 -2.67
C THR B 15 -0.79 2.36 -3.25
N THR B 16 -1.45 2.38 -4.40
CA THR B 16 -1.98 3.64 -4.94
C THR B 16 -3.24 4.00 -4.16
N TYR B 17 -3.41 5.29 -3.88
CA TYR B 17 -4.58 5.75 -3.17
C TYR B 17 -5.01 7.13 -3.68
N GLN B 18 -6.29 7.44 -3.46
CA GLN B 18 -6.84 8.73 -3.85
C GLN B 18 -6.32 9.81 -2.94
N LYS B 19 -5.77 10.88 -3.51
CA LYS B 19 -5.24 11.95 -2.68
C LYS B 19 -6.38 12.81 -2.12
N ASP B 20 -6.06 13.52 -1.04
CA ASP B 20 -7.07 14.25 -0.27
C ASP B 20 -7.95 15.15 -1.13
N GLU B 21 -7.33 15.98 -1.97
CA GLU B 21 -8.08 16.91 -2.82
C GLU B 21 -8.13 16.45 -4.28
N GLU B 22 -8.11 15.13 -4.51
CA GLU B 22 -8.20 14.57 -5.86
C GLU B 22 -9.61 14.01 -6.04
N LYS B 23 -10.24 14.37 -7.16
CA LYS B 23 -11.54 13.81 -7.49
C LYS B 23 -11.41 12.32 -7.76
N LEU B 24 -12.46 11.57 -7.40
CA LEU B 24 -12.46 10.14 -7.63
C LEU B 24 -12.28 9.81 -9.12
N SER B 25 -12.91 10.59 -9.98
CA SER B 25 -12.78 10.35 -11.43
C SER B 25 -11.35 10.56 -11.90
N ALA B 26 -10.67 11.58 -11.38
CA ALA B 26 -9.25 11.77 -11.67
C ALA B 26 -8.43 10.59 -11.14
N TYR B 27 -8.83 10.02 -10.00
CA TYR B 27 -8.11 8.88 -9.45
C TYR B 27 -8.22 7.67 -10.37
N VAL B 28 -9.43 7.37 -10.85
CA VAL B 28 -9.60 6.24 -11.78
C VAL B 28 -8.78 6.45 -13.04
N LEU B 29 -8.78 7.68 -13.59
CA LEU B 29 -7.99 7.96 -14.78
C LEU B 29 -6.51 7.72 -14.50
N ARG B 30 -6.04 8.13 -13.33
CA ARG B 30 -4.66 7.89 -12.94
C ARG B 30 -4.34 6.41 -12.80
N LEU B 31 -5.31 5.60 -12.37
CA LEU B 31 -5.06 4.17 -12.24
C LEU B 31 -4.91 3.48 -13.59
N GLU B 32 -5.64 3.96 -14.60
CA GLU B 32 -5.76 3.19 -15.83
C GLU B 32 -4.42 2.83 -16.48
N PRO B 33 -3.46 3.74 -16.65
CA PRO B 33 -2.17 3.33 -17.23
C PRO B 33 -1.44 2.27 -16.42
N LEU B 34 -1.43 2.38 -15.09
CA LEU B 34 -0.84 1.33 -14.27
C LEU B 34 -1.51 -0.01 -14.51
N LEU B 35 -2.83 -0.01 -14.62
CA LEU B 35 -3.56 -1.25 -14.84
C LEU B 35 -3.19 -1.85 -16.20
N GLN B 36 -3.14 -1.03 -17.24
CA GLN B 36 -2.78 -1.56 -18.55
C GLN B 36 -1.34 -2.09 -18.56
N LYS B 37 -0.45 -1.43 -17.82
CA LYS B 37 0.91 -1.93 -17.67
C LYS B 37 0.93 -3.29 -16.97
N LEU B 38 0.09 -3.45 -15.95
CA LEU B 38 -0.02 -4.75 -15.28
C LEU B 38 -0.45 -5.83 -16.25
N VAL B 39 -1.37 -5.50 -17.15
CA VAL B 39 -1.75 -6.48 -18.16
C VAL B 39 -0.57 -6.79 -19.08
N GLN B 40 0.14 -5.75 -19.51
CA GLN B 40 1.26 -5.94 -20.44
C GLN B 40 2.30 -6.90 -19.86
N ARG B 41 2.72 -6.67 -18.61
CA ARG B 41 3.77 -7.48 -18.02
C ARG B 41 3.28 -8.82 -17.48
N GLY B 42 2.03 -9.19 -17.73
CA GLY B 42 1.50 -10.48 -17.34
C GLY B 42 1.13 -10.63 -15.88
N ALA B 43 1.11 -9.55 -15.11
CA ALA B 43 0.73 -9.64 -13.70
C ALA B 43 -0.77 -9.85 -13.53
N ILE B 44 -1.55 -9.48 -14.54
CA ILE B 44 -3.00 -9.56 -14.50
C ILE B 44 -3.46 -10.01 -15.87
N GLU B 45 -4.51 -10.83 -15.89
CA GLU B 45 -5.10 -11.30 -17.13
C GLU B 45 -6.15 -10.29 -17.62
N ARG B 46 -6.26 -10.18 -18.94
CA ARG B 46 -7.18 -9.21 -19.53
C ARG B 46 -8.57 -9.34 -18.93
N ASP B 47 -9.07 -10.58 -18.81
CA ASP B 47 -10.43 -10.82 -18.35
C ASP B 47 -10.66 -10.38 -16.91
N ALA B 48 -9.61 -10.18 -16.12
CA ALA B 48 -9.73 -9.73 -14.75
C ALA B 48 -9.64 -8.22 -14.59
N VAL B 49 -9.36 -7.51 -15.68
CA VAL B 49 -9.05 -6.08 -15.59
C VAL B 49 -10.16 -5.33 -14.86
N ASN B 50 -11.40 -5.47 -15.32
CA ASN B 50 -12.49 -4.71 -14.71
C ASN B 50 -12.53 -4.93 -13.21
N GLN B 51 -12.45 -6.19 -12.76
CA GLN B 51 -12.51 -6.44 -11.33
C GLN B 51 -11.31 -5.77 -10.66
N ALA B 52 -10.12 -5.94 -11.24
CA ALA B 52 -8.93 -5.30 -10.70
C ALA B 52 -9.15 -3.79 -10.56
N ARG B 53 -9.70 -3.16 -11.61
CA ARG B 53 -9.94 -1.73 -11.51
C ARG B 53 -10.82 -1.45 -10.31
N LEU B 54 -11.98 -2.10 -10.27
CA LEU B 54 -12.89 -1.85 -9.17
C LEU B 54 -12.19 -2.08 -7.84
N ASP B 55 -11.47 -3.20 -7.72
CA ASP B 55 -10.88 -3.53 -6.44
C ASP B 55 -10.00 -2.37 -5.95
N GLN B 56 -9.13 -1.84 -6.82
CA GLN B 56 -8.21 -0.83 -6.33
C GLN B 56 -8.93 0.49 -6.09
N VAL B 57 -9.94 0.81 -6.92
CA VAL B 57 -10.76 1.98 -6.61
C VAL B 57 -11.29 1.84 -5.17
N ILE B 58 -11.88 0.68 -4.86
CA ILE B 58 -12.43 0.49 -3.53
C ILE B 58 -11.32 0.58 -2.49
N ALA B 59 -10.17 -0.03 -2.78
CA ALA B 59 -9.12 -0.04 -1.79
C ALA B 59 -8.55 1.36 -1.58
N GLY B 60 -8.51 2.16 -2.64
CA GLY B 60 -7.75 3.39 -2.57
C GLY B 60 -8.60 4.62 -2.33
N ALA B 61 -9.91 4.47 -2.40
CA ALA B 61 -10.78 5.63 -2.34
C ALA B 61 -10.73 6.26 -0.95
N VAL B 62 -10.81 7.59 -0.92
CA VAL B 62 -10.94 8.31 0.34
C VAL B 62 -12.21 7.87 1.06
N HIS B 63 -13.28 7.67 0.31
CA HIS B 63 -14.56 7.22 0.85
C HIS B 63 -14.50 5.71 1.09
N LYS B 64 -14.49 5.32 2.36
CA LYS B 64 -14.34 3.91 2.73
C LYS B 64 -15.56 3.06 2.40
N THR B 65 -16.68 3.65 1.97
CA THR B 65 -17.82 2.85 1.53
C THR B 65 -18.30 3.28 0.15
N ILE B 66 -17.36 3.52 -0.77
CA ILE B 66 -17.70 4.05 -2.08
C ILE B 66 -18.48 3.04 -2.92
N ARG B 67 -18.29 1.75 -2.69
CA ARG B 67 -19.03 0.75 -3.46
CA ARG B 67 -19.03 0.76 -3.46
C ARG B 67 -20.53 0.94 -3.28
N ARG B 68 -20.97 1.20 -2.05
CA ARG B 68 -22.38 1.47 -1.81
C ARG B 68 -22.78 2.82 -2.41
N GLU B 69 -21.95 3.85 -2.22
CA GLU B 69 -22.27 5.18 -2.73
C GLU B 69 -22.53 5.15 -4.23
N LEU B 70 -21.78 4.32 -4.96
CA LEU B 70 -22.01 4.13 -6.39
C LEU B 70 -23.06 3.07 -6.68
N ASN B 71 -23.64 2.46 -5.66
CA ASN B 71 -24.71 1.47 -5.85
C ASN B 71 -24.20 0.28 -6.67
N LEU B 72 -23.01 -0.20 -6.32
CA LEU B 72 -22.46 -1.36 -7.01
C LEU B 72 -22.65 -2.61 -6.17
N PRO B 73 -23.01 -3.74 -6.79
CA PRO B 73 -23.19 -4.96 -6.00
C PRO B 73 -21.87 -5.61 -5.63
N GLU B 74 -21.86 -6.19 -4.42
CA GLU B 74 -20.67 -6.86 -3.90
C GLU B 74 -20.25 -8.07 -4.71
N ASP B 75 -21.17 -8.71 -5.43
CA ASP B 75 -20.83 -9.94 -6.15
C ASP B 75 -20.99 -9.85 -7.66
N GLY B 76 -21.86 -8.98 -8.17
CA GLY B 76 -22.13 -8.90 -9.58
C GLY B 76 -20.90 -8.60 -10.41
N PRO B 77 -21.06 -8.51 -11.72
CA PRO B 77 -19.91 -8.34 -12.61
C PRO B 77 -19.39 -6.92 -12.53
N ALA B 78 -18.09 -6.80 -12.66
CA ALA B 78 -17.48 -5.49 -12.52
C ALA B 78 -17.85 -4.62 -13.71
N PRO B 79 -18.07 -3.33 -13.51
CA PRO B 79 -18.36 -2.44 -14.63
C PRO B 79 -17.13 -2.25 -15.50
N GLY B 80 -17.37 -1.92 -16.76
CA GLY B 80 -16.30 -1.52 -17.64
C GLY B 80 -15.81 -0.12 -17.32
N PHE B 81 -14.71 0.26 -17.99
CA PHE B 81 -14.07 1.55 -17.72
C PHE B 81 -15.04 2.71 -17.89
N LEU B 82 -15.70 2.78 -19.05
CA LEU B 82 -16.58 3.92 -19.30
C LEU B 82 -17.79 3.85 -18.38
N GLN B 83 -18.37 2.67 -18.15
CA GLN B 83 -19.49 2.60 -17.23
C GLN B 83 -19.10 3.09 -15.84
N LEU B 84 -17.93 2.67 -15.36
CA LEU B 84 -17.49 3.11 -14.04
C LEU B 84 -17.31 4.63 -14.01
N LEU B 85 -16.70 5.19 -15.05
CA LEU B 85 -16.51 6.64 -15.10
C LEU B 85 -17.85 7.38 -15.09
N VAL B 86 -18.86 6.84 -15.79
CA VAL B 86 -20.16 7.50 -15.79
C VAL B 86 -20.82 7.42 -14.42
N LEU B 87 -20.74 6.26 -13.77
CA LEU B 87 -21.25 6.15 -12.41
C LEU B 87 -20.59 7.19 -11.49
N ILE B 88 -19.27 7.35 -11.61
CA ILE B 88 -18.55 8.29 -10.76
C ILE B 88 -18.91 9.73 -11.12
N LYS B 89 -19.09 10.02 -12.40
CA LYS B 89 -19.52 11.35 -12.83
C LYS B 89 -20.85 11.72 -12.17
N ASP B 90 -21.83 10.80 -12.23
CA ASP B 90 -23.14 11.07 -11.63
C ASP B 90 -23.02 11.27 -10.12
N TYR B 91 -22.22 10.42 -9.47
CA TYR B 91 -21.99 10.59 -8.03
C TYR B 91 -21.37 11.94 -7.71
N GLU B 92 -20.36 12.36 -8.48
CA GLU B 92 -19.71 13.63 -8.22
C GLU B 92 -20.66 14.80 -8.48
N ALA B 93 -21.54 14.70 -9.47
CA ALA B 93 -22.56 15.74 -9.65
C ALA B 93 -23.46 15.83 -8.41
N ALA B 94 -23.92 14.69 -7.89
CA ALA B 94 -24.78 14.73 -6.71
C ALA B 94 -24.03 15.31 -5.50
N GLU B 95 -22.76 14.97 -5.35
CA GLU B 95 -21.98 15.52 -4.25
C GLU B 95 -21.86 17.03 -4.39
N GLU B 96 -21.67 17.53 -5.61
CA GLU B 96 -21.60 18.97 -5.79
C GLU B 96 -22.92 19.64 -5.44
N GLU B 97 -24.04 19.01 -5.77
CA GLU B 97 -25.33 19.57 -5.37
C GLU B 97 -25.44 19.69 -3.85
N GLU B 98 -25.05 18.63 -3.13
CA GLU B 98 -25.07 18.69 -1.66
C GLU B 98 -24.18 19.82 -1.14
N ALA B 99 -23.00 19.99 -1.73
CA ALA B 99 -22.10 21.06 -1.31
C ALA B 99 -22.73 22.43 -1.52
N LEU B 100 -23.33 22.65 -2.69
CA LEU B 100 -24.02 23.92 -2.95
C LEU B 100 -25.12 24.17 -1.91
N LEU B 101 -25.91 23.13 -1.62
CA LEU B 101 -26.97 23.28 -0.63
C LEU B 101 -26.40 23.68 0.71
N GLN B 102 -25.34 22.99 1.15
CA GLN B 102 -24.74 23.33 2.44
C GLN B 102 -24.24 24.76 2.43
N ALA B 103 -23.59 25.20 1.35
CA ALA B 103 -23.09 26.57 1.29
C ALA B 103 -24.23 27.59 1.37
N ILE B 104 -25.33 27.34 0.67
CA ILE B 104 -26.46 28.27 0.73
C ILE B 104 -27.03 28.31 2.14
N LEU B 105 -27.42 27.15 2.66
CA LEU B 105 -27.95 27.08 4.02
C LEU B 105 -27.04 27.78 5.03
N GLU B 106 -25.73 27.76 4.80
CA GLU B 106 -24.79 28.45 5.67
C GLU B 106 -24.78 29.95 5.42
#